data_3QIH
#
_entry.id   3QIH
#
_cell.length_a   58.045
_cell.length_b   85.424
_cell.length_c   46.714
_cell.angle_alpha   90.00
_cell.angle_beta   90.00
_cell.angle_gamma   90.00
#
_symmetry.space_group_name_H-M   'P 21 21 2'
#
loop_
_entity.id
_entity.type
_entity.pdbx_description
1 polymer Protease
2 non-polymer 'ethyl 3-aminobenzoate'
3 non-polymer 'CHLORIDE ION'
4 non-polymer (4aS,7aS)-1,4-bis(3-hydroxybenzyl)hexahydro-1H-pyrrolo[3,4-b]pyrazine-2,3-dione
5 non-polymer 'TRIETHYLENE GLYCOL'
6 water water
#
_entity_poly.entity_id   1
_entity_poly.type   'polypeptide(L)'
_entity_poly.pdbx_seq_one_letter_code
;PQITLWKRPLVTIKIGGQLKEALLDTGADDTVIEEMSLPGRWKPKMIGGIGGFIKVRQYDQIIIEICGHKAIGTVLVGPT
PVNIIGRNLLTQIGCTLNF
;
_entity_poly.pdbx_strand_id   A,B
#
# COMPACT_ATOMS: atom_id res chain seq x y z
N PRO A 1 -11.24 -10.86 -11.50
CA PRO A 1 -12.00 -9.61 -11.39
C PRO A 1 -11.14 -8.38 -11.64
N GLN A 2 -11.79 -7.26 -11.90
CA GLN A 2 -11.11 -5.98 -11.98
C GLN A 2 -11.59 -5.12 -10.83
N ILE A 3 -10.66 -4.64 -10.03
CA ILE A 3 -11.02 -3.83 -8.87
C ILE A 3 -10.53 -2.40 -9.08
N THR A 4 -11.47 -1.46 -9.09
CA THR A 4 -11.12 -0.06 -9.21
C THR A 4 -10.66 0.47 -7.87
N LEU A 5 -10.17 1.71 -7.87
CA LEU A 5 -9.53 2.26 -6.67
C LEU A 5 -10.23 3.50 -6.15
N TRP A 6 -11.50 3.68 -6.54
CA TRP A 6 -12.31 4.81 -6.06
C TRP A 6 -12.45 4.73 -4.54
N LYS A 7 -12.54 3.51 -4.01
CA LYS A 7 -12.50 3.29 -2.57
C LYS A 7 -11.45 2.25 -2.25
N ARG A 8 -11.20 2.04 -0.96
CA ARG A 8 -10.23 1.04 -0.52
CA ARG A 8 -10.23 1.05 -0.54
C ARG A 8 -10.58 -0.32 -1.10
N PRO A 9 -9.59 -1.00 -1.67
CA PRO A 9 -9.84 -2.33 -2.25
C PRO A 9 -9.88 -3.41 -1.17
N LEU A 10 -11.00 -3.43 -0.45
CA LEU A 10 -11.23 -4.41 0.61
C LEU A 10 -11.89 -5.66 0.06
N VAL A 11 -11.40 -6.81 0.49
CA VAL A 11 -11.97 -8.08 0.08
C VAL A 11 -12.14 -8.99 1.27
N THR A 12 -12.97 -10.01 1.10
CA THR A 12 -13.09 -11.05 2.10
C THR A 12 -11.99 -12.08 1.91
N ILE A 13 -11.36 -12.46 3.00
CA ILE A 13 -10.39 -13.55 2.98
C ILE A 13 -10.80 -14.62 3.97
N LYS A 14 -10.31 -15.83 3.73
CA LYS A 14 -10.49 -16.91 4.68
C LYS A 14 -9.11 -17.37 5.12
N ILE A 15 -8.89 -17.36 6.42
CA ILE A 15 -7.59 -17.71 6.98
C ILE A 15 -7.82 -18.39 8.32
N GLY A 16 -7.18 -19.54 8.52
CA GLY A 16 -7.27 -20.25 9.77
C GLY A 16 -8.70 -20.57 10.16
N GLY A 17 -9.55 -20.81 9.16
CA GLY A 17 -10.94 -21.13 9.40
C GLY A 17 -11.80 -19.93 9.70
N GLN A 18 -11.23 -18.73 9.60
CA GLN A 18 -11.94 -17.50 9.93
C GLN A 18 -12.15 -16.64 8.70
N LEU A 19 -13.25 -15.89 8.68
CA LEU A 19 -13.46 -14.89 7.64
C LEU A 19 -13.03 -13.54 8.16
N LYS A 20 -12.30 -12.81 7.34
CA LYS A 20 -11.86 -11.46 7.70
C LYS A 20 -11.93 -10.56 6.48
N GLU A 21 -11.98 -9.26 6.72
CA GLU A 21 -11.87 -8.28 5.65
CA GLU A 21 -11.86 -8.29 5.64
C GLU A 21 -10.43 -7.80 5.59
N ALA A 22 -9.88 -7.71 4.39
CA ALA A 22 -8.49 -7.28 4.24
C ALA A 22 -8.32 -6.37 3.03
N LEU A 23 -7.27 -5.57 3.09
CA LEU A 23 -6.98 -4.58 2.07
C LEU A 23 -5.91 -5.11 1.11
N LEU A 24 -6.20 -5.09 -0.19
CA LEU A 24 -5.21 -5.45 -1.20
C LEU A 24 -4.22 -4.30 -1.32
N ASP A 25 -2.99 -4.52 -0.88
CA ASP A 25 -2.06 -3.42 -0.66
C ASP A 25 -0.76 -3.64 -1.44
N THR A 26 -0.65 -3.01 -2.60
CA THR A 26 0.54 -3.20 -3.43
C THR A 26 1.77 -2.52 -2.83
N GLY A 27 1.57 -1.61 -1.88
CA GLY A 27 2.69 -0.96 -1.22
C GLY A 27 3.28 -1.78 -0.08
N ALA A 28 2.61 -2.86 0.30
CA ALA A 28 3.07 -3.73 1.39
C ALA A 28 3.87 -4.91 0.85
N ASP A 29 5.11 -5.09 1.32
CA ASP A 29 5.88 -6.27 0.95
C ASP A 29 5.24 -7.54 1.52
N ASP A 30 4.69 -7.41 2.72
CA ASP A 30 4.26 -8.53 3.53
C ASP A 30 2.76 -8.47 3.82
N THR A 31 2.22 -9.60 4.24
CA THR A 31 0.83 -9.72 4.61
C THR A 31 0.77 -9.69 6.13
N VAL A 32 -0.08 -8.81 6.67
CA VAL A 32 -0.17 -8.63 8.12
CA VAL A 32 -0.18 -8.70 8.12
C VAL A 32 -1.64 -8.68 8.55
N ILE A 33 -1.93 -9.55 9.50
CA ILE A 33 -3.28 -9.76 9.95
C ILE A 33 -3.36 -9.47 11.45
N GLU A 34 -4.52 -8.98 11.90
CA GLU A 34 -4.79 -8.74 13.31
C GLU A 34 -4.65 -10.03 14.11
N GLU A 35 -4.52 -9.88 15.42
CA GLU A 35 -4.30 -11.03 16.29
C GLU A 35 -5.32 -12.14 16.04
N MET A 36 -4.78 -13.34 15.83
CA MET A 36 -5.58 -14.54 15.64
C MET A 36 -4.66 -15.72 15.82
N SER A 37 -5.24 -16.88 16.07
CA SER A 37 -4.46 -18.12 16.20
CA SER A 37 -4.47 -18.11 16.21
C SER A 37 -4.05 -18.65 14.84
N LEU A 38 -2.77 -19.02 14.71
CA LEU A 38 -2.29 -19.71 13.52
C LEU A 38 -1.41 -20.86 13.96
N PRO A 39 -1.33 -21.94 13.14
CA PRO A 39 -0.55 -23.11 13.48
C PRO A 39 0.94 -22.93 13.16
N GLY A 40 1.78 -23.68 13.86
CA GLY A 40 3.19 -23.77 13.55
C GLY A 40 4.08 -22.89 14.39
N ARG A 41 5.38 -22.98 14.15
CA ARG A 41 6.35 -22.15 14.83
C ARG A 41 6.26 -20.73 14.28
N TRP A 42 6.73 -19.77 15.06
CA TRP A 42 6.79 -18.40 14.59
C TRP A 42 8.09 -17.77 15.05
N LYS A 43 8.47 -16.66 14.42
CA LYS A 43 9.59 -15.87 14.87
C LYS A 43 9.20 -14.42 14.82
N PRO A 44 9.79 -13.60 15.70
CA PRO A 44 9.39 -12.20 15.74
C PRO A 44 9.98 -11.40 14.59
N LYS A 45 9.27 -10.35 14.21
CA LYS A 45 9.70 -9.48 13.12
C LYS A 45 9.21 -8.08 13.45
N MET A 46 9.92 -7.08 12.96
CA MET A 46 9.44 -5.71 13.03
C MET A 46 9.08 -5.25 11.64
N ILE A 47 7.92 -4.64 11.50
CA ILE A 47 7.55 -4.05 10.22
C ILE A 47 7.24 -2.60 10.42
N GLY A 48 7.69 -1.80 9.47
CA GLY A 48 7.59 -0.36 9.61
C GLY A 48 6.86 0.30 8.47
N GLY A 49 6.40 1.51 8.75
CA GLY A 49 5.78 2.33 7.73
C GLY A 49 5.65 3.71 8.33
N ILE A 50 4.60 4.42 7.92
CA ILE A 50 4.30 5.70 8.52
C ILE A 50 3.91 5.50 9.98
N GLY A 51 4.43 6.33 10.85
CA GLY A 51 4.15 6.20 12.27
C GLY A 51 5.21 5.40 13.01
N GLY A 52 5.99 4.63 12.27
CA GLY A 52 7.03 3.82 12.89
C GLY A 52 6.80 2.32 12.71
N PHE A 53 7.28 1.53 13.67
CA PHE A 53 7.28 0.08 13.54
C PHE A 53 6.36 -0.61 14.55
N ILE A 54 5.85 -1.79 14.17
CA ILE A 54 5.19 -2.67 15.13
C ILE A 54 5.86 -4.03 15.13
N LYS A 55 5.78 -4.72 16.26
CA LYS A 55 6.29 -6.08 16.38
C LYS A 55 5.20 -7.06 16.00
N VAL A 56 5.56 -8.03 15.18
CA VAL A 56 4.62 -9.05 14.71
C VAL A 56 5.23 -10.43 14.86
N ARG A 57 4.39 -11.45 14.77
CA ARG A 57 4.83 -12.83 14.75
C ARG A 57 4.75 -13.37 13.32
N GLN A 58 5.84 -13.94 12.85
CA GLN A 58 5.89 -14.46 11.49
C GLN A 58 5.57 -15.95 11.45
N TYR A 59 4.49 -16.31 10.75
CA TYR A 59 4.11 -17.71 10.52
C TYR A 59 4.32 -18.05 9.06
N ASP A 60 4.88 -19.21 8.79
CA ASP A 60 5.14 -19.58 7.40
C ASP A 60 4.17 -20.65 6.89
N GLN A 61 4.05 -20.75 5.57
CA GLN A 61 3.25 -21.79 4.92
CA GLN A 61 3.27 -21.82 4.96
C GLN A 61 1.81 -21.78 5.39
N ILE A 62 1.23 -20.59 5.43
CA ILE A 62 -0.15 -20.40 5.82
C ILE A 62 -1.01 -20.29 4.58
N ILE A 63 -2.10 -21.05 4.54
CA ILE A 63 -3.01 -20.98 3.41
C ILE A 63 -4.06 -19.89 3.64
N ILE A 64 -4.26 -19.06 2.64
CA ILE A 64 -5.29 -18.04 2.70
C ILE A 64 -6.09 -18.14 1.41
N GLU A 65 -7.40 -17.93 1.52
CA GLU A 65 -8.22 -17.79 0.32
C GLU A 65 -8.55 -16.32 0.20
N ILE A 66 -8.15 -15.72 -0.92
CA ILE A 66 -8.32 -14.30 -1.11
C ILE A 66 -9.31 -14.09 -2.23
N CYS A 67 -10.48 -13.55 -1.87
CA CYS A 67 -11.48 -13.28 -2.88
C CYS A 67 -11.68 -14.51 -3.77
N GLY A 68 -11.66 -15.69 -3.16
CA GLY A 68 -11.91 -16.93 -3.88
C GLY A 68 -10.72 -17.63 -4.51
N HIS A 69 -9.52 -17.04 -4.33
CA HIS A 69 -8.30 -17.60 -4.89
C HIS A 69 -7.37 -18.10 -3.79
N LYS A 70 -6.99 -19.37 -3.85
CA LYS A 70 -6.16 -19.97 -2.81
C LYS A 70 -4.69 -19.64 -3.02
N ALA A 71 -4.01 -19.32 -1.94
CA ALA A 71 -2.59 -19.02 -1.98
C ALA A 71 -1.96 -19.52 -0.70
N ILE A 72 -0.64 -19.67 -0.70
CA ILE A 72 0.08 -20.04 0.51
C ILE A 72 1.28 -19.12 0.66
N GLY A 73 1.59 -18.74 1.89
CA GLY A 73 2.77 -17.94 2.11
C GLY A 73 2.92 -17.56 3.56
N THR A 74 3.85 -16.64 3.79
CA THR A 74 4.11 -16.15 5.13
C THR A 74 3.04 -15.14 5.53
N VAL A 75 2.55 -15.27 6.75
CA VAL A 75 1.59 -14.32 7.28
C VAL A 75 2.11 -13.78 8.60
N LEU A 76 2.13 -12.46 8.72
CA LEU A 76 2.56 -11.83 9.96
C LEU A 76 1.32 -11.50 10.77
N VAL A 77 1.39 -11.71 12.08
CA VAL A 77 0.26 -11.45 12.96
C VAL A 77 0.66 -10.46 14.03
N GLY A 78 -0.15 -9.43 14.19
CA GLY A 78 0.15 -8.43 15.20
C GLY A 78 -0.85 -7.31 15.21
N PRO A 79 -0.53 -6.24 15.94
CA PRO A 79 -1.48 -5.15 16.18
C PRO A 79 -1.57 -4.17 15.02
N THR A 80 -1.90 -4.69 13.84
CA THR A 80 -2.11 -3.83 12.68
C THR A 80 -3.50 -3.20 12.72
N PRO A 81 -3.60 -1.91 12.37
CA PRO A 81 -4.90 -1.24 12.36
C PRO A 81 -5.83 -1.78 11.27
N VAL A 82 -5.25 -2.38 10.24
CA VAL A 82 -6.00 -2.87 9.08
CA VAL A 82 -6.05 -2.92 9.15
C VAL A 82 -5.39 -4.20 8.64
N ASN A 83 -6.21 -5.19 8.30
CA ASN A 83 -5.67 -6.44 7.74
C ASN A 83 -5.18 -6.15 6.33
N ILE A 84 -3.94 -6.55 6.07
CA ILE A 84 -3.25 -6.20 4.83
CA ILE A 84 -3.29 -6.21 4.82
C ILE A 84 -2.84 -7.44 4.05
N ILE A 85 -3.24 -7.53 2.78
CA ILE A 85 -2.70 -8.54 1.88
C ILE A 85 -1.60 -7.87 1.08
N GLY A 86 -0.36 -8.29 1.32
CA GLY A 86 0.78 -7.69 0.67
C GLY A 86 1.24 -8.46 -0.55
N ARG A 87 2.32 -7.99 -1.17
CA ARG A 87 2.75 -8.55 -2.44
C ARG A 87 3.05 -10.05 -2.38
N ASN A 88 3.52 -10.53 -1.23
CA ASN A 88 3.91 -11.93 -1.14
C ASN A 88 2.74 -12.86 -1.45
N LEU A 89 1.51 -12.42 -1.19
CA LEU A 89 0.35 -13.21 -1.56
C LEU A 89 -0.36 -12.70 -2.80
N LEU A 90 -0.29 -11.39 -3.05
CA LEU A 90 -0.90 -10.85 -4.26
C LEU A 90 -0.32 -11.51 -5.52
N THR A 91 0.99 -11.79 -5.52
CA THR A 91 1.58 -12.45 -6.69
C THR A 91 0.93 -13.80 -6.93
N GLN A 92 0.61 -14.51 -5.84
CA GLN A 92 0.16 -15.90 -5.93
C GLN A 92 -1.24 -16.01 -6.51
N ILE A 93 -2.02 -14.95 -6.40
CA ILE A 93 -3.34 -14.94 -7.01
C ILE A 93 -3.33 -14.31 -8.41
N GLY A 94 -2.14 -13.94 -8.87
CA GLY A 94 -1.99 -13.37 -10.21
C GLY A 94 -2.42 -11.92 -10.30
N CYS A 95 -2.34 -11.20 -9.20
CA CYS A 95 -2.80 -9.81 -9.16
C CYS A 95 -1.79 -8.88 -9.80
N THR A 96 -2.26 -8.04 -10.71
CA THR A 96 -1.40 -7.04 -11.33
C THR A 96 -2.04 -5.65 -11.27
N LEU A 97 -1.22 -4.63 -11.40
CA LEU A 97 -1.68 -3.25 -11.60
C LEU A 97 -1.74 -2.97 -13.10
N ASN A 98 -2.80 -2.32 -13.54
CA ASN A 98 -2.99 -2.04 -14.95
C ASN A 98 -3.50 -0.62 -15.18
N PHE A 99 -2.87 0.06 -16.14
CA PHE A 99 -3.34 1.36 -16.59
C PHE A 99 -2.79 1.68 -17.97
N PRO B 1 0.49 0.32 -18.88
CA PRO B 1 1.24 -0.92 -18.70
C PRO B 1 0.57 -1.89 -17.75
N GLN B 2 1.10 -3.10 -17.70
CA GLN B 2 0.72 -4.08 -16.70
C GLN B 2 1.93 -4.34 -15.82
N ILE B 3 1.75 -4.19 -14.52
CA ILE B 3 2.84 -4.30 -13.57
C ILE B 3 2.57 -5.44 -12.60
N THR B 4 3.47 -6.41 -12.57
CA THR B 4 3.36 -7.52 -11.64
C THR B 4 3.95 -7.12 -10.30
N LEU B 5 3.82 -7.99 -9.31
CA LEU B 5 4.11 -7.59 -7.94
C LEU B 5 5.22 -8.43 -7.30
N TRP B 6 6.00 -9.11 -8.13
CA TRP B 6 7.11 -9.91 -7.64
C TRP B 6 8.19 -9.01 -7.03
N LYS B 7 8.29 -7.78 -7.54
CA LYS B 7 9.13 -6.74 -6.96
C LYS B 7 8.24 -5.57 -6.59
N ARG B 8 8.75 -4.63 -5.79
CA ARG B 8 7.99 -3.43 -5.48
CA ARG B 8 7.98 -3.44 -5.48
C ARG B 8 7.63 -2.70 -6.77
N PRO B 9 6.38 -2.21 -6.88
CA PRO B 9 5.98 -1.49 -8.09
C PRO B 9 6.47 -0.04 -8.06
N LEU B 10 7.78 0.11 -8.24
CA LEU B 10 8.44 1.39 -8.26
C LEU B 10 8.42 1.95 -9.67
N VAL B 11 8.04 3.22 -9.77
CA VAL B 11 7.99 3.88 -11.05
C VAL B 11 8.66 5.25 -10.95
N THR B 12 8.93 5.84 -12.09
CA THR B 12 9.43 7.20 -12.12
C THR B 12 8.25 8.17 -12.19
N ILE B 13 8.31 9.18 -11.32
CA ILE B 13 7.35 10.27 -11.36
C ILE B 13 8.09 11.56 -11.66
N LYS B 14 7.35 12.56 -12.10
CA LYS B 14 7.91 13.89 -12.27
C LYS B 14 7.07 14.89 -11.51
N ILE B 15 7.72 15.64 -10.63
CA ILE B 15 7.03 16.63 -9.83
C ILE B 15 8.00 17.77 -9.58
N GLY B 16 7.50 19.00 -9.72
CA GLY B 16 8.37 20.15 -9.58
C GLY B 16 9.53 20.13 -10.56
N GLY B 17 9.30 19.55 -11.74
CA GLY B 17 10.31 19.49 -12.78
C GLY B 17 11.41 18.46 -12.55
N GLN B 18 11.27 17.67 -11.50
CA GLN B 18 12.31 16.72 -11.07
CA GLN B 18 12.32 16.71 -11.17
C GLN B 18 11.78 15.28 -11.18
N LEU B 19 12.64 14.37 -11.62
CA LEU B 19 12.27 12.96 -11.63
C LEU B 19 12.57 12.36 -10.26
N LYS B 20 11.63 11.56 -9.77
CA LYS B 20 11.79 10.85 -8.51
C LYS B 20 11.27 9.44 -8.68
N GLU B 21 11.65 8.56 -7.77
CA GLU B 21 11.12 7.22 -7.73
C GLU B 21 9.95 7.17 -6.75
N ALA B 22 8.88 6.46 -7.10
CA ALA B 22 7.75 6.33 -6.19
C ALA B 22 7.09 4.96 -6.30
N LEU B 23 6.40 4.59 -5.23
CA LEU B 23 5.75 3.30 -5.14
C LEU B 23 4.25 3.43 -5.44
N LEU B 24 3.74 2.61 -6.36
CA LEU B 24 2.30 2.58 -6.62
C LEU B 24 1.65 1.76 -5.52
N ASP B 25 0.86 2.42 -4.67
CA ASP B 25 0.43 1.84 -3.42
C ASP B 25 -1.10 1.86 -3.27
N THR B 26 -1.74 0.74 -3.60
CA THR B 26 -3.18 0.66 -3.50
C THR B 26 -3.69 0.68 -2.06
N GLY B 27 -2.79 0.45 -1.11
CA GLY B 27 -3.14 0.51 0.30
C GLY B 27 -3.15 1.92 0.87
N ALA B 28 -2.67 2.89 0.09
CA ALA B 28 -2.59 4.28 0.51
C ALA B 28 -3.75 5.08 -0.08
N ASP B 29 -4.53 5.74 0.78
CA ASP B 29 -5.62 6.58 0.30
C ASP B 29 -5.04 7.76 -0.47
N ASP B 30 -3.91 8.26 0.03
CA ASP B 30 -3.34 9.51 -0.44
C ASP B 30 -1.94 9.34 -0.98
N THR B 31 -1.48 10.34 -1.68
CA THR B 31 -0.13 10.42 -2.22
C THR B 31 0.74 11.23 -1.29
N VAL B 32 1.87 10.66 -0.90
CA VAL B 32 2.80 11.32 0.03
CA VAL B 32 2.79 11.38 -0.02
C VAL B 32 4.21 11.30 -0.54
N ILE B 33 4.84 12.47 -0.62
CA ILE B 33 6.18 12.62 -1.16
C ILE B 33 7.12 13.16 -0.09
N GLU B 34 8.37 12.74 -0.18
CA GLU B 34 9.40 13.20 0.74
CA GLU B 34 9.45 13.19 0.70
C GLU B 34 9.58 14.72 0.65
N GLU B 35 10.17 15.28 1.69
CA GLU B 35 10.37 16.73 1.77
CA GLU B 35 10.37 16.73 1.76
C GLU B 35 10.87 17.33 0.45
N MET B 36 10.15 18.32 -0.03
CA MET B 36 10.53 19.07 -1.21
C MET B 36 9.73 20.36 -1.20
N SER B 37 10.09 21.28 -2.07
CA SER B 37 9.37 22.55 -2.17
CA SER B 37 9.39 22.56 -2.18
C SER B 37 8.26 22.47 -3.19
N LEU B 38 7.06 22.86 -2.78
CA LEU B 38 5.92 22.96 -3.68
C LEU B 38 5.30 24.34 -3.55
N PRO B 39 4.64 24.80 -4.61
CA PRO B 39 4.08 26.16 -4.65
C PRO B 39 2.78 26.27 -3.87
N GLY B 40 2.52 27.49 -3.39
CA GLY B 40 1.23 27.83 -2.83
C GLY B 40 1.10 27.57 -1.34
N ARG B 41 -0.12 27.70 -0.86
CA ARG B 41 -0.38 27.48 0.55
C ARG B 41 -0.66 26.01 0.78
N TRP B 42 -0.43 25.58 2.01
CA TRP B 42 -0.72 24.22 2.38
C TRP B 42 -1.65 24.17 3.57
N LYS B 43 -2.29 23.02 3.75
CA LYS B 43 -3.23 22.76 4.82
C LYS B 43 -2.72 21.56 5.60
N PRO B 44 -3.13 21.46 6.87
CA PRO B 44 -2.64 20.37 7.69
C PRO B 44 -3.40 19.08 7.40
N LYS B 45 -2.70 17.96 7.52
CA LYS B 45 -3.36 16.68 7.43
C LYS B 45 -2.56 15.69 8.23
N MET B 46 -3.25 14.71 8.79
CA MET B 46 -2.58 13.61 9.43
C MET B 46 -2.93 12.34 8.68
N ILE B 47 -1.94 11.49 8.50
CA ILE B 47 -2.19 10.23 7.87
C ILE B 47 -1.73 9.11 8.78
N GLY B 48 -2.52 8.04 8.79
CA GLY B 48 -2.28 6.92 9.67
C GLY B 48 -1.68 5.75 8.94
N GLY B 49 -0.72 5.10 9.57
CA GLY B 49 -0.09 3.93 9.02
C GLY B 49 -0.05 2.82 10.04
N ILE B 50 0.75 1.80 9.75
CA ILE B 50 0.75 0.64 10.60
C ILE B 50 1.30 0.93 11.99
N GLY B 51 2.18 1.93 12.09
CA GLY B 51 2.89 2.18 13.33
C GLY B 51 2.47 3.43 14.07
N GLY B 52 1.48 4.14 13.54
CA GLY B 52 1.05 5.39 14.13
C GLY B 52 0.73 6.43 13.08
N PHE B 53 1.05 7.69 13.36
CA PHE B 53 0.70 8.78 12.47
C PHE B 53 1.86 9.73 12.19
N ILE B 54 1.79 10.44 11.06
CA ILE B 54 2.67 11.57 10.82
C ILE B 54 1.83 12.76 10.40
N LYS B 55 2.32 13.96 10.71
CA LYS B 55 1.70 15.18 10.21
C LYS B 55 2.34 15.47 8.86
N VAL B 56 1.54 15.93 7.92
CA VAL B 56 2.06 16.27 6.62
C VAL B 56 1.47 17.57 6.16
N ARG B 57 2.03 18.10 5.08
CA ARG B 57 1.53 19.33 4.48
C ARG B 57 0.76 18.94 3.24
N GLN B 58 -0.49 19.40 3.15
CA GLN B 58 -1.32 19.09 2.00
C GLN B 58 -1.31 20.21 0.99
N TYR B 59 -0.85 19.90 -0.22
CA TYR B 59 -0.89 20.85 -1.34
C TYR B 59 -1.90 20.36 -2.37
N ASP B 60 -2.73 21.25 -2.89
CA ASP B 60 -3.75 20.84 -3.84
C ASP B 60 -3.40 21.23 -5.28
N GLN B 61 -3.97 20.50 -6.22
CA GLN B 61 -3.88 20.84 -7.64
C GLN B 61 -2.45 20.93 -8.13
N ILE B 62 -1.63 19.97 -7.67
CA ILE B 62 -0.24 19.88 -8.06
C ILE B 62 -0.09 19.03 -9.31
N ILE B 63 0.68 19.53 -10.27
CA ILE B 63 0.95 18.79 -11.49
C ILE B 63 1.99 17.71 -11.23
N ILE B 64 1.68 16.48 -11.66
CA ILE B 64 2.58 15.37 -11.39
C ILE B 64 2.42 14.33 -12.47
N GLU B 65 3.53 13.82 -13.00
CA GLU B 65 3.48 12.73 -13.96
C GLU B 65 3.82 11.42 -13.25
N ILE B 66 3.08 10.37 -13.58
CA ILE B 66 3.29 9.05 -12.99
C ILE B 66 3.47 8.08 -14.15
N CYS B 67 4.67 7.53 -14.29
CA CYS B 67 4.95 6.66 -15.42
CA CYS B 67 4.97 6.66 -15.41
C CYS B 67 4.66 7.34 -16.75
N GLY B 68 4.87 8.65 -16.81
CA GLY B 68 4.60 9.40 -18.02
C GLY B 68 3.16 9.84 -18.18
N HIS B 69 2.29 9.39 -17.30
CA HIS B 69 0.87 9.77 -17.36
C HIS B 69 0.63 11.03 -16.53
N LYS B 70 0.01 12.03 -17.16
CA LYS B 70 -0.17 13.31 -16.52
C LYS B 70 -1.34 13.29 -15.53
N ALA B 71 -1.10 13.81 -14.33
CA ALA B 71 -2.13 13.95 -13.30
C ALA B 71 -2.04 15.34 -12.67
N ILE B 72 -3.13 15.79 -12.06
CA ILE B 72 -3.10 17.03 -11.31
C ILE B 72 -3.96 16.80 -10.09
N GLY B 73 -3.38 16.88 -8.90
CA GLY B 73 -4.16 16.59 -7.72
C GLY B 73 -3.42 16.84 -6.43
N THR B 74 -3.94 16.24 -5.37
CA THR B 74 -3.45 16.55 -4.05
C THR B 74 -2.20 15.74 -3.74
N VAL B 75 -1.18 16.44 -3.30
CA VAL B 75 0.06 15.82 -2.91
C VAL B 75 0.37 16.19 -1.47
N LEU B 76 0.61 15.19 -0.64
CA LEU B 76 1.03 15.43 0.73
C LEU B 76 2.55 15.38 0.80
N VAL B 77 3.13 16.23 1.63
CA VAL B 77 4.58 16.27 1.76
C VAL B 77 4.96 16.06 3.22
N GLY B 78 5.85 15.11 3.47
CA GLY B 78 6.32 14.90 4.82
C GLY B 78 7.27 13.73 4.91
N PRO B 79 7.58 13.35 6.16
CA PRO B 79 8.57 12.31 6.49
C PRO B 79 8.03 10.92 6.26
N THR B 80 7.61 10.66 5.02
CA THR B 80 7.26 9.32 4.60
C THR B 80 8.55 8.56 4.32
N PRO B 81 8.58 7.26 4.60
CA PRO B 81 9.82 6.52 4.34
C PRO B 81 10.11 6.26 2.85
N VAL B 82 9.11 6.37 1.99
CA VAL B 82 9.29 6.19 0.54
C VAL B 82 8.24 7.05 -0.16
N ASN B 83 8.51 7.55 -1.37
CA ASN B 83 7.47 8.31 -2.08
C ASN B 83 6.36 7.37 -2.47
N ILE B 84 5.13 7.75 -2.18
CA ILE B 84 3.96 6.89 -2.33
C ILE B 84 2.91 7.53 -3.24
N ILE B 85 2.54 6.83 -4.31
CA ILE B 85 1.41 7.24 -5.13
C ILE B 85 0.19 6.46 -4.65
N GLY B 86 -0.76 7.17 -4.05
CA GLY B 86 -1.95 6.56 -3.50
C GLY B 86 -3.16 6.63 -4.41
N ARG B 87 -4.29 6.16 -3.88
CA ARG B 87 -5.48 6.01 -4.72
C ARG B 87 -5.96 7.30 -5.34
N ASN B 88 -5.76 8.44 -4.68
CA ASN B 88 -6.25 9.68 -5.26
C ASN B 88 -5.68 9.90 -6.66
N LEU B 89 -4.42 9.55 -6.87
CA LEU B 89 -3.80 9.71 -8.19
C LEU B 89 -3.84 8.44 -9.03
N LEU B 90 -3.82 7.28 -8.41
CA LEU B 90 -3.95 6.03 -9.17
C LEU B 90 -5.27 6.04 -9.94
N THR B 91 -6.33 6.55 -9.33
CA THR B 91 -7.60 6.63 -10.04
C THR B 91 -7.51 7.60 -11.23
N GLN B 92 -6.78 8.69 -11.07
CA GLN B 92 -6.65 9.66 -12.15
C GLN B 92 -6.00 9.08 -13.39
N ILE B 93 -5.05 8.16 -13.20
CA ILE B 93 -4.35 7.59 -14.34
C ILE B 93 -5.03 6.30 -14.82
N GLY B 94 -6.15 5.96 -14.19
CA GLY B 94 -6.97 4.83 -14.64
C GLY B 94 -6.42 3.48 -14.21
N CYS B 95 -5.73 3.46 -13.07
CA CYS B 95 -5.11 2.25 -12.58
C CYS B 95 -6.10 1.35 -11.85
N THR B 96 -6.08 0.06 -12.18
CA THR B 96 -6.92 -0.92 -11.50
C THR B 96 -6.08 -2.11 -11.05
N LEU B 97 -6.65 -2.89 -10.13
CA LEU B 97 -6.10 -4.19 -9.77
C LEU B 97 -6.84 -5.24 -10.57
N ASN B 98 -6.11 -6.24 -11.04
CA ASN B 98 -6.71 -7.28 -11.86
C ASN B 98 -6.16 -8.65 -11.51
N PHE B 99 -7.05 -9.63 -11.41
CA PHE B 99 -6.64 -11.03 -11.26
C PHE B 99 -7.77 -11.95 -11.68
#